data_6OF7
#
_entry.id   6OF7
#
_cell.length_a   72.640
_cell.length_b   81.230
_cell.length_c   98.100
_cell.angle_alpha   90.00
_cell.angle_beta   90.00
_cell.angle_gamma   90.00
#
_symmetry.space_group_name_H-M   'P 21 21 21'
#
loop_
_entity.id
_entity.type
_entity.pdbx_description
1 polymer Cryptochrome-1
2 polymer 'Period circadian protein homolog 2'
#
loop_
_entity_poly.entity_id
_entity_poly.type
_entity_poly.pdbx_seq_one_letter_code
_entity_poly.pdbx_strand_id
1 'polypeptide(L)'
;MGVNAVHWFRKGLRLHDNPALKECIQGADTIRCVYILDPWFAGSSNVGINRWRFLLQCLEDLDANLRKLNSRLFVIRGQP
ADVFPRLFKEWNITKLSIEYDSEPFGKERDAAIKKLATEAGVEVIVRISHTLYDLDKIIELNGGQPPLTYKRFQTLVSKM
EPLEMPADTITSDVIGKCMTPLSDDHDEKYGVPSLEELGFDTDGLSSAVWPGGETEALTRLERHLERKAWVANFERPRMN
ANSLLASPTGLSPYLRFGCLSCRLFYFKLTDLYKKVKKNSSPPLSLYGQLLWREFFYTAATNNPRFDKMEGNPICVQIPW
DKNPEALAKWAEGRTGFPWIDAIMTQLRQEGWIHHLARHAVACFLTRGDLWISWEEGMKVFEELLLDADWSINAGSWMWL
SCSSFFQQFFHCYCPVGFGRRTDPNGDYIRRYLPVLRGFPAKYIYDPWNAPEGIQKVAKCLIGVNYPKPMVNHAEASRLN
IERMKQIYQQL
;
A
2 'polypeptide(L)'
;GAMDPEFSSDTSHTSKYFGSIDSSENNHKAKMNTGMEESEHFIKCVLQDPIWLLMADADSSVMMTYQLPSRNLEAVLKED
REKLKLLQKLQPRFTESQKQELREVHQWMQTGGLPAAIDVAECVYCES
;
B
#
# COMPACT_ATOMS: atom_id res chain seq x y z
N VAL A 3 35.73 -3.55 -18.51
CA VAL A 3 34.28 -3.41 -18.47
C VAL A 3 33.83 -3.12 -17.04
N ASN A 4 32.89 -2.19 -16.90
CA ASN A 4 32.29 -1.84 -15.62
C ASN A 4 30.79 -2.12 -15.67
N ALA A 5 30.19 -2.25 -14.49
CA ALA A 5 28.78 -2.57 -14.40
C ALA A 5 28.18 -1.89 -13.17
N VAL A 6 26.87 -1.63 -13.24
CA VAL A 6 26.14 -0.97 -12.16
C VAL A 6 24.75 -1.58 -12.08
N HIS A 7 24.35 -2.00 -10.88
CA HIS A 7 23.01 -2.51 -10.64
C HIS A 7 22.19 -1.45 -9.93
N TRP A 8 21.03 -1.12 -10.48
CA TRP A 8 20.15 -0.10 -9.93
C TRP A 8 19.13 -0.75 -9.01
N PHE A 9 19.18 -0.39 -7.73
CA PHE A 9 18.23 -0.89 -6.74
C PHE A 9 17.05 0.07 -6.62
N ARG A 10 15.85 -0.51 -6.58
CA ARG A 10 14.64 0.30 -6.46
C ARG A 10 13.63 -0.41 -5.55
N LYS A 11 13.10 -1.54 -6.01
CA LYS A 11 12.11 -2.30 -5.27
C LYS A 11 12.57 -3.74 -5.04
N GLY A 12 13.87 -3.94 -4.87
CA GLY A 12 14.43 -5.25 -4.59
C GLY A 12 15.57 -5.19 -3.60
N LEU A 13 15.32 -4.53 -2.46
CA LEU A 13 16.36 -4.31 -1.46
C LEU A 13 16.76 -5.59 -0.76
N ARG A 14 17.36 -6.53 -1.50
CA ARG A 14 17.74 -7.83 -0.96
C ARG A 14 18.86 -8.40 -1.81
N LEU A 15 19.54 -9.40 -1.25
CA LEU A 15 20.59 -10.12 -1.95
C LEU A 15 20.22 -11.55 -2.30
N HIS A 16 19.09 -12.05 -1.79
CA HIS A 16 18.59 -13.37 -2.14
C HIS A 16 17.55 -13.24 -3.25
N ASP A 17 17.55 -14.20 -4.17
CA ASP A 17 16.64 -14.21 -5.32
C ASP A 17 16.70 -12.87 -6.05
N ASN A 18 17.85 -12.63 -6.67
CA ASN A 18 18.10 -11.40 -7.44
C ASN A 18 18.67 -11.80 -8.80
N PRO A 19 17.81 -12.28 -9.70
CA PRO A 19 18.31 -12.60 -11.06
C PRO A 19 18.83 -11.40 -11.81
N ALA A 20 18.38 -10.19 -11.46
CA ALA A 20 18.89 -8.99 -12.13
C ALA A 20 20.31 -8.68 -11.66
N LEU A 21 20.55 -8.72 -10.35
CA LEU A 21 21.88 -8.42 -9.84
C LEU A 21 22.88 -9.52 -10.18
N LYS A 22 22.49 -10.78 -9.99
CA LYS A 22 23.42 -11.87 -10.23
C LYS A 22 23.80 -11.99 -11.71
N GLU A 23 22.88 -11.64 -12.61
CA GLU A 23 23.20 -11.70 -14.03
C GLU A 23 24.23 -10.65 -14.42
N CYS A 24 24.30 -9.54 -13.69
CA CYS A 24 25.19 -8.44 -14.04
C CYS A 24 26.62 -8.69 -13.60
N ILE A 25 26.84 -9.57 -12.63
CA ILE A 25 28.16 -9.78 -12.04
C ILE A 25 28.76 -11.03 -12.65
N GLN A 26 28.19 -11.51 -13.74
CA GLN A 26 28.60 -12.81 -14.28
C GLN A 26 30.02 -12.76 -14.83
N GLY A 27 30.39 -11.65 -15.45
CA GLY A 27 31.67 -11.55 -16.11
C GLY A 27 32.16 -10.11 -16.18
N ALA A 28 31.44 -9.22 -15.50
CA ALA A 28 31.87 -7.84 -15.39
C ALA A 28 33.12 -7.75 -14.54
N ASP A 29 34.00 -6.81 -14.90
CA ASP A 29 35.22 -6.60 -14.12
C ASP A 29 34.94 -5.73 -12.91
N THR A 30 33.99 -4.80 -13.01
CA THR A 30 33.63 -3.91 -11.92
C THR A 30 32.13 -3.95 -11.71
N ILE A 31 31.70 -3.78 -10.45
CA ILE A 31 30.30 -3.73 -10.09
C ILE A 31 30.10 -2.64 -9.04
N ARG A 32 28.92 -2.02 -9.08
CA ARG A 32 28.58 -0.97 -8.11
C ARG A 32 27.06 -0.94 -7.96
N CYS A 33 26.58 -1.11 -6.74
CA CYS A 33 25.15 -1.08 -6.46
C CYS A 33 24.73 0.35 -6.12
N VAL A 34 23.78 0.88 -6.88
CA VAL A 34 23.37 2.28 -6.77
C VAL A 34 21.88 2.33 -6.45
N TYR A 35 21.53 3.14 -5.45
CA TYR A 35 20.13 3.44 -5.13
C TYR A 35 19.91 4.93 -5.29
N ILE A 36 18.94 5.30 -6.12
CA ILE A 36 18.64 6.70 -6.40
C ILE A 36 17.52 7.15 -5.47
N LEU A 37 17.83 8.12 -4.61
CA LEU A 37 16.89 8.61 -3.60
C LEU A 37 16.62 10.09 -3.88
N ASP A 38 15.45 10.38 -4.44
CA ASP A 38 15.07 11.76 -4.73
C ASP A 38 14.39 12.40 -3.53
N SER A 44 7.32 12.72 1.78
CA SER A 44 7.10 14.05 1.20
C SER A 44 6.47 14.99 2.22
N SER A 45 6.04 14.44 3.35
CA SER A 45 5.36 15.22 4.37
C SER A 45 5.96 14.88 5.73
N ASN A 46 5.23 15.21 6.80
CA ASN A 46 5.68 14.99 8.16
C ASN A 46 5.22 13.64 8.72
N VAL A 47 3.93 13.34 8.58
CA VAL A 47 3.40 12.10 9.15
C VAL A 47 3.97 10.88 8.46
N GLY A 48 4.39 11.03 7.19
CA GLY A 48 4.99 9.92 6.47
C GLY A 48 6.44 9.71 6.85
N ILE A 49 6.70 9.44 8.12
CA ILE A 49 8.05 9.24 8.61
C ILE A 49 8.37 7.76 8.80
N ASN A 50 7.39 6.96 9.23
CA ASN A 50 7.60 5.52 9.36
C ASN A 50 7.86 4.88 8.00
N ARG A 51 7.34 5.48 6.93
CA ARG A 51 7.61 4.97 5.59
C ARG A 51 9.08 5.17 5.21
N TRP A 52 9.61 6.36 5.45
CA TRP A 52 11.01 6.63 5.12
C TRP A 52 11.97 6.01 6.13
N ARG A 53 11.56 5.89 7.39
CA ARG A 53 12.39 5.19 8.36
C ARG A 53 12.54 3.72 8.00
N PHE A 54 11.46 3.11 7.50
CA PHE A 54 11.56 1.74 7.02
C PHE A 54 12.54 1.64 5.86
N LEU A 55 12.48 2.58 4.92
CA LEU A 55 13.35 2.53 3.75
C LEU A 55 14.81 2.69 4.14
N LEU A 56 15.11 3.64 5.02
CA LEU A 56 16.50 3.86 5.42
C LEU A 56 17.06 2.68 6.20
N GLN A 57 16.21 1.98 6.96
CA GLN A 57 16.67 0.78 7.65
C GLN A 57 16.99 -0.33 6.66
N CYS A 58 16.26 -0.40 5.54
CA CYS A 58 16.55 -1.42 4.54
C CYS A 58 17.85 -1.12 3.80
N LEU A 59 18.14 0.17 3.58
CA LEU A 59 19.37 0.53 2.88
C LEU A 59 20.59 0.31 3.77
N GLU A 60 20.47 0.59 5.07
CA GLU A 60 21.57 0.31 5.98
C GLU A 60 21.78 -1.20 6.14
N ASP A 61 20.69 -1.97 6.14
CA ASP A 61 20.83 -3.42 6.14
C ASP A 61 21.41 -3.92 4.83
N LEU A 62 21.01 -3.31 3.71
CA LEU A 62 21.57 -3.68 2.41
C LEU A 62 23.04 -3.31 2.31
N ASP A 63 23.45 -2.22 2.96
CA ASP A 63 24.86 -1.84 2.97
C ASP A 63 25.66 -2.74 3.91
N ALA A 64 25.04 -3.15 5.03
CA ALA A 64 25.74 -4.03 5.97
C ALA A 64 26.00 -5.39 5.37
N ASN A 65 25.05 -5.93 4.60
CA ASN A 65 25.27 -7.21 3.94
C ASN A 65 26.24 -7.08 2.77
N LEU A 66 26.31 -5.90 2.16
CA LEU A 66 27.31 -5.67 1.12
C LEU A 66 28.70 -5.48 1.70
N ARG A 67 28.79 -4.91 2.92
CA ARG A 67 30.08 -4.76 3.57
C ARG A 67 30.74 -6.11 3.84
N LYS A 68 29.94 -7.14 4.12
CA LYS A 68 30.48 -8.47 4.34
C LYS A 68 31.17 -9.02 3.09
N LEU A 69 30.80 -8.54 1.91
CA LEU A 69 31.43 -8.94 0.66
C LEU A 69 32.45 -7.93 0.17
N ASN A 70 32.97 -7.09 1.07
CA ASN A 70 33.92 -6.02 0.74
C ASN A 70 33.36 -5.10 -0.35
N SER A 71 32.06 -4.90 -0.34
CA SER A 71 31.38 -3.94 -1.20
C SER A 71 30.60 -2.96 -0.35
N ARG A 72 30.07 -1.91 -0.98
CA ARG A 72 29.31 -0.91 -0.25
C ARG A 72 28.19 -0.40 -1.14
N LEU A 73 27.11 0.06 -0.50
CA LEU A 73 25.97 0.61 -1.22
C LEU A 73 26.22 2.06 -1.57
N PHE A 74 25.77 2.47 -2.75
CA PHE A 74 25.96 3.82 -3.26
C PHE A 74 24.60 4.51 -3.32
N VAL A 75 24.33 5.37 -2.35
CA VAL A 75 23.09 6.15 -2.32
C VAL A 75 23.35 7.50 -2.98
N ILE A 76 22.48 7.87 -3.92
CA ILE A 76 22.67 9.08 -4.71
C ILE A 76 21.35 9.86 -4.75
N ARG A 77 21.45 11.18 -4.60
CA ARG A 77 20.28 12.05 -4.66
C ARG A 77 20.09 12.56 -6.09
N GLY A 78 18.83 12.86 -6.43
CA GLY A 78 18.48 13.42 -7.72
C GLY A 78 17.54 12.52 -8.48
N GLN A 79 17.30 12.89 -9.73
CA GLN A 79 16.43 12.15 -10.64
C GLN A 79 17.24 11.22 -11.53
N PRO A 80 16.73 10.01 -11.79
CA PRO A 80 17.50 9.05 -12.60
C PRO A 80 17.82 9.54 -14.00
N ALA A 81 16.94 10.35 -14.61
CA ALA A 81 17.21 10.87 -15.94
C ALA A 81 18.38 11.84 -15.97
N ASP A 82 18.77 12.37 -14.81
CA ASP A 82 19.90 13.28 -14.71
C ASP A 82 21.14 12.65 -14.08
N VAL A 83 20.98 11.58 -13.29
CA VAL A 83 22.12 11.04 -12.57
C VAL A 83 22.88 10.03 -13.43
N PHE A 84 22.16 9.07 -14.00
CA PHE A 84 22.82 8.00 -14.75
C PHE A 84 23.57 8.47 -16.00
N PRO A 85 23.10 9.47 -16.77
CA PRO A 85 23.91 9.93 -17.91
C PRO A 85 25.32 10.36 -17.54
N ARG A 86 25.53 10.93 -16.35
CA ARG A 86 26.88 11.28 -15.93
C ARG A 86 27.59 10.13 -15.23
N LEU A 87 26.86 9.15 -14.70
CA LEU A 87 27.48 7.96 -14.15
C LEU A 87 27.97 7.01 -15.23
N PHE A 88 27.45 7.13 -16.45
CA PHE A 88 27.92 6.28 -17.54
C PHE A 88 29.33 6.68 -17.98
N LYS A 89 29.63 7.98 -17.95
CA LYS A 89 30.93 8.47 -18.39
C LYS A 89 31.94 8.53 -17.24
N GLU A 90 31.51 8.93 -16.06
CA GLU A 90 32.43 9.03 -14.93
C GLU A 90 32.91 7.67 -14.44
N TRP A 91 32.18 6.60 -14.77
CA TRP A 91 32.55 5.25 -14.36
C TRP A 91 32.81 4.30 -15.52
N ASN A 92 32.58 4.73 -16.76
CA ASN A 92 32.74 3.90 -17.95
C ASN A 92 31.90 2.62 -17.82
N ILE A 93 30.59 2.82 -17.69
CA ILE A 93 29.66 1.74 -17.42
C ILE A 93 29.25 1.10 -18.74
N THR A 94 29.27 -0.24 -18.79
CA THR A 94 28.83 -0.99 -19.95
C THR A 94 27.52 -1.73 -19.71
N LYS A 95 27.31 -2.25 -18.51
CA LYS A 95 26.13 -3.04 -18.19
C LYS A 95 25.33 -2.36 -17.08
N LEU A 96 24.01 -2.34 -17.25
CA LEU A 96 23.08 -1.76 -16.28
C LEU A 96 21.94 -2.73 -16.06
N SER A 97 21.87 -3.30 -14.86
CA SER A 97 20.85 -4.29 -14.52
C SER A 97 19.80 -3.66 -13.60
N ILE A 98 18.53 -3.95 -13.87
CA ILE A 98 17.43 -3.44 -13.08
C ILE A 98 16.40 -4.55 -12.88
N GLU A 99 15.70 -4.49 -11.76
CA GLU A 99 14.57 -5.39 -11.52
C GLU A 99 13.35 -4.84 -12.23
N TYR A 100 12.64 -5.72 -12.95
CA TYR A 100 11.54 -5.27 -13.78
C TYR A 100 10.43 -4.66 -12.95
N ASP A 101 9.99 -3.47 -13.34
CA ASP A 101 8.90 -2.76 -12.69
C ASP A 101 7.71 -2.71 -13.65
N SER A 102 6.62 -3.37 -13.28
CA SER A 102 5.45 -3.48 -14.15
C SER A 102 4.46 -2.34 -13.96
N GLU A 103 4.65 -1.49 -12.97
CA GLU A 103 3.70 -0.42 -12.71
C GLU A 103 3.76 0.63 -13.83
N PRO A 104 2.65 1.32 -14.10
CA PRO A 104 2.63 2.26 -15.24
C PRO A 104 3.72 3.31 -15.20
N PHE A 105 3.88 4.00 -14.07
CA PHE A 105 4.95 4.99 -13.98
C PHE A 105 6.33 4.35 -14.05
N GLY A 106 6.47 3.13 -13.53
CA GLY A 106 7.75 2.46 -13.56
C GLY A 106 8.18 2.02 -14.95
N LYS A 107 7.21 1.68 -15.80
CA LYS A 107 7.55 1.21 -17.15
C LYS A 107 8.03 2.36 -18.03
N GLU A 108 7.36 3.51 -17.97
CA GLU A 108 7.80 4.66 -18.76
C GLU A 108 9.09 5.26 -18.19
N ARG A 109 9.37 5.05 -16.91
CA ARG A 109 10.64 5.48 -16.34
C ARG A 109 11.77 4.55 -16.77
N ASP A 110 11.51 3.24 -16.81
CA ASP A 110 12.53 2.29 -17.25
C ASP A 110 12.80 2.42 -18.74
N ALA A 111 11.74 2.58 -19.55
CA ALA A 111 11.92 2.68 -20.99
C ALA A 111 12.68 3.96 -21.37
N ALA A 112 12.55 5.01 -20.57
CA ALA A 112 13.28 6.24 -20.85
C ALA A 112 14.74 6.15 -20.43
N ILE A 113 15.01 5.48 -19.29
CA ILE A 113 16.38 5.36 -18.81
C ILE A 113 17.20 4.49 -19.76
N LYS A 114 16.65 3.34 -20.15
CA LYS A 114 17.38 2.46 -21.06
C LYS A 114 17.52 3.05 -22.46
N LYS A 115 16.62 3.97 -22.84
CA LYS A 115 16.83 4.72 -24.09
C LYS A 115 18.03 5.65 -23.95
N LEU A 116 18.23 6.22 -22.76
CA LEU A 116 19.45 7.00 -22.50
C LEU A 116 20.68 6.10 -22.46
N ALA A 117 20.54 4.86 -22.00
CA ALA A 117 21.67 3.97 -21.85
C ALA A 117 22.05 3.33 -23.19
N THR A 118 21.07 2.93 -23.99
CA THR A 118 21.37 2.28 -25.26
C THR A 118 22.05 3.24 -26.23
N GLU A 119 21.67 4.52 -26.21
CA GLU A 119 22.33 5.51 -27.03
C GLU A 119 23.66 5.97 -26.45
N ALA A 120 23.95 5.60 -25.20
CA ALA A 120 25.24 5.89 -24.58
C ALA A 120 26.16 4.67 -24.57
N GLY A 121 25.82 3.62 -25.32
CA GLY A 121 26.66 2.44 -25.38
C GLY A 121 26.58 1.52 -24.18
N VAL A 122 25.48 1.57 -23.43
CA VAL A 122 25.31 0.77 -22.22
C VAL A 122 24.24 -0.28 -22.49
N GLU A 123 24.57 -1.54 -22.25
CA GLU A 123 23.60 -2.62 -22.36
C GLU A 123 22.77 -2.71 -21.10
N VAL A 124 21.48 -3.00 -21.26
CA VAL A 124 20.52 -3.03 -20.17
C VAL A 124 20.09 -4.46 -19.92
N ILE A 125 20.16 -4.90 -18.66
CA ILE A 125 19.73 -6.22 -18.25
C ILE A 125 18.47 -6.07 -17.43
N VAL A 126 17.39 -6.75 -17.83
CA VAL A 126 16.10 -6.68 -17.17
C VAL A 126 15.69 -8.09 -16.76
N ARG A 127 15.35 -8.27 -15.48
CA ARG A 127 14.91 -9.54 -14.96
C ARG A 127 13.70 -9.33 -14.07
N ILE A 128 12.85 -10.35 -13.98
CA ILE A 128 11.63 -10.30 -13.19
C ILE A 128 11.93 -10.94 -11.83
N SER A 129 11.74 -10.16 -10.76
CA SER A 129 11.95 -10.66 -9.41
C SER A 129 10.92 -10.17 -8.40
N HIS A 130 10.20 -9.09 -8.67
CA HIS A 130 9.22 -8.57 -7.73
C HIS A 130 7.90 -9.34 -7.77
N THR A 131 7.68 -10.14 -8.81
CA THR A 131 6.45 -10.89 -8.97
C THR A 131 6.77 -12.36 -9.19
N LEU A 132 5.77 -13.21 -8.92
CA LEU A 132 5.93 -14.65 -9.13
C LEU A 132 6.03 -14.97 -10.61
N TYR A 133 4.98 -14.69 -11.37
CA TYR A 133 4.92 -14.97 -12.79
C TYR A 133 5.29 -13.72 -13.58
N ASP A 134 5.38 -13.88 -14.90
CA ASP A 134 5.43 -12.74 -15.81
C ASP A 134 4.01 -12.24 -15.99
N LEU A 135 3.73 -11.04 -15.52
CA LEU A 135 2.35 -10.53 -15.52
C LEU A 135 1.78 -10.47 -16.92
N ASP A 136 2.59 -10.09 -17.91
CA ASP A 136 2.11 -10.01 -19.28
C ASP A 136 1.75 -11.38 -19.82
N LYS A 137 2.47 -12.42 -19.45
CA LYS A 137 2.11 -13.77 -19.89
C LYS A 137 0.77 -14.20 -19.33
N ILE A 138 0.39 -13.71 -18.15
CA ILE A 138 -0.93 -14.00 -17.60
C ILE A 138 -2.00 -13.23 -18.36
N ILE A 139 -1.68 -12.02 -18.83
CA ILE A 139 -2.66 -11.22 -19.55
C ILE A 139 -2.93 -11.82 -20.92
N GLU A 140 -1.90 -12.37 -21.58
CA GLU A 140 -2.08 -12.95 -22.90
C GLU A 140 -2.93 -14.21 -22.85
N LEU A 141 -2.82 -15.00 -21.77
CA LEU A 141 -3.66 -16.18 -21.63
C LEU A 141 -5.13 -15.81 -21.47
N ASN A 142 -5.42 -14.68 -20.84
CA ASN A 142 -6.79 -14.24 -20.66
C ASN A 142 -7.39 -13.65 -21.93
N GLY A 143 -6.56 -13.19 -22.86
CA GLY A 143 -7.05 -12.62 -24.11
C GLY A 143 -6.65 -11.18 -24.32
N GLY A 144 -5.45 -10.82 -23.88
CA GLY A 144 -4.97 -9.45 -24.03
C GLY A 144 -5.46 -8.48 -22.98
N GLN A 145 -6.26 -8.92 -22.02
CA GLN A 145 -6.77 -8.07 -20.95
C GLN A 145 -6.60 -8.78 -19.62
N PRO A 146 -6.12 -8.07 -18.60
CA PRO A 146 -5.94 -8.69 -17.27
C PRO A 146 -7.27 -9.15 -16.68
N PRO A 147 -7.24 -10.16 -15.80
CA PRO A 147 -8.50 -10.65 -15.23
C PRO A 147 -9.15 -9.61 -14.34
N LEU A 148 -10.48 -9.46 -14.50
CA LEU A 148 -11.22 -8.50 -13.69
C LEU A 148 -11.45 -9.02 -12.27
N THR A 149 -11.49 -10.33 -12.08
CA THR A 149 -11.81 -10.94 -10.81
C THR A 149 -10.65 -11.79 -10.31
N TYR A 150 -10.63 -11.99 -8.99
CA TYR A 150 -9.65 -12.90 -8.39
C TYR A 150 -9.94 -14.34 -8.75
N LYS A 151 -11.20 -14.66 -9.06
CA LYS A 151 -11.56 -16.03 -9.42
C LYS A 151 -10.91 -16.44 -10.74
N ARG A 152 -11.05 -15.61 -11.77
CA ARG A 152 -10.42 -15.91 -13.05
C ARG A 152 -8.90 -15.87 -12.94
N PHE A 153 -8.36 -15.04 -12.04
CA PHE A 153 -6.91 -14.98 -11.85
C PHE A 153 -6.37 -16.29 -11.31
N GLN A 154 -7.05 -16.88 -10.32
CA GLN A 154 -6.62 -18.17 -9.80
C GLN A 154 -6.73 -19.27 -10.85
N THR A 155 -7.73 -19.17 -11.75
CA THR A 155 -7.84 -20.13 -12.85
C THR A 155 -6.67 -19.98 -13.82
N LEU A 156 -6.12 -18.78 -13.96
CA LEU A 156 -5.03 -18.55 -14.90
C LEU A 156 -3.70 -19.03 -14.34
N VAL A 157 -3.43 -18.78 -13.05
CA VAL A 157 -2.15 -19.16 -12.47
C VAL A 157 -2.01 -20.68 -12.39
N SER A 158 -3.12 -21.42 -12.36
CA SER A 158 -3.08 -22.86 -12.44
C SER A 158 -2.91 -23.36 -13.87
N LYS A 159 -3.07 -22.48 -14.86
CA LYS A 159 -2.91 -22.82 -16.27
C LYS A 159 -1.52 -22.46 -16.79
N MET A 160 -0.54 -22.36 -15.91
CA MET A 160 0.81 -21.95 -16.30
C MET A 160 1.83 -22.97 -15.83
N GLU A 161 2.98 -22.97 -16.48
CA GLU A 161 4.06 -23.84 -16.08
C GLU A 161 4.59 -23.41 -14.71
N PRO A 162 5.07 -24.36 -13.90
CA PRO A 162 5.56 -24.01 -12.56
C PRO A 162 6.76 -23.08 -12.61
N LEU A 163 6.92 -22.30 -11.55
CA LEU A 163 8.01 -21.34 -11.48
C LEU A 163 9.36 -22.05 -11.31
N GLU A 164 10.41 -21.37 -11.74
CA GLU A 164 11.75 -21.86 -11.52
C GLU A 164 12.21 -21.50 -10.11
N MET A 165 13.23 -22.21 -9.64
CA MET A 165 13.77 -21.92 -8.32
C MET A 165 14.37 -20.51 -8.30
N PRO A 166 14.25 -19.80 -7.18
CA PRO A 166 14.82 -18.44 -7.11
C PRO A 166 16.33 -18.46 -7.35
N ALA A 167 16.83 -17.35 -7.89
CA ALA A 167 18.25 -17.25 -8.19
C ALA A 167 19.08 -17.41 -6.92
N ASP A 168 20.21 -18.09 -7.06
CA ASP A 168 21.10 -18.31 -5.93
C ASP A 168 21.60 -16.98 -5.39
N THR A 169 21.72 -16.89 -4.07
CA THR A 169 22.10 -15.63 -3.43
C THR A 169 23.51 -15.22 -3.83
N ILE A 170 23.76 -13.92 -3.79
CA ILE A 170 25.07 -13.38 -4.10
C ILE A 170 25.99 -13.63 -2.90
N THR A 171 27.06 -14.38 -3.13
CA THR A 171 27.97 -14.75 -2.05
C THR A 171 29.41 -14.41 -2.39
N SER A 172 30.35 -15.18 -1.85
CA SER A 172 31.77 -14.91 -2.11
C SER A 172 32.15 -15.29 -3.53
N ASP A 173 31.61 -16.40 -4.04
CA ASP A 173 31.99 -16.86 -5.37
C ASP A 173 31.19 -16.17 -6.47
N VAL A 174 29.98 -15.71 -6.16
CA VAL A 174 29.20 -14.97 -7.16
C VAL A 174 29.93 -13.72 -7.60
N ILE A 175 30.61 -13.07 -6.66
CA ILE A 175 31.50 -11.95 -6.97
C ILE A 175 32.65 -12.47 -7.82
N GLY A 176 33.57 -13.20 -7.18
CA GLY A 176 34.66 -13.84 -7.89
C GLY A 176 35.60 -12.91 -8.61
N LYS A 177 36.57 -12.36 -7.87
CA LYS A 177 37.57 -11.44 -8.44
C LYS A 177 36.92 -10.26 -9.13
N CYS A 178 35.75 -9.86 -8.66
CA CYS A 178 35.00 -8.73 -9.23
C CYS A 178 35.07 -7.61 -8.19
N MET A 179 36.02 -6.70 -8.37
CA MET A 179 36.28 -5.68 -7.37
C MET A 179 35.18 -4.62 -7.36
N THR A 180 34.76 -4.22 -6.16
CA THR A 180 33.90 -3.06 -6.00
C THR A 180 34.79 -1.88 -5.67
N PRO A 181 34.87 -0.86 -6.53
CA PRO A 181 35.88 0.20 -6.36
C PRO A 181 35.51 1.20 -5.28
N LEU A 182 35.26 0.70 -4.07
CA LEU A 182 34.95 1.58 -2.95
C LEU A 182 36.20 2.38 -2.56
N SER A 183 36.40 3.51 -3.21
CA SER A 183 37.45 4.42 -2.79
C SER A 183 37.05 5.09 -1.48
N ASP A 184 38.03 5.70 -0.83
CA ASP A 184 37.73 6.47 0.37
C ASP A 184 36.91 7.70 0.00
N ASP A 185 36.57 8.49 1.01
CA ASP A 185 35.60 9.57 0.88
C ASP A 185 34.21 9.05 0.49
N HIS A 186 34.00 7.73 0.65
CA HIS A 186 32.73 7.13 0.26
C HIS A 186 31.61 7.61 1.18
N ASP A 187 31.83 7.55 2.49
CA ASP A 187 30.87 8.12 3.42
C ASP A 187 30.77 9.64 3.23
N GLU A 188 29.66 10.20 3.68
CA GLU A 188 29.27 11.60 3.51
C GLU A 188 29.01 11.95 2.05
N LYS A 189 29.23 11.01 1.12
CA LYS A 189 28.91 11.21 -0.30
C LYS A 189 27.92 10.16 -0.76
N TYR A 190 28.30 8.88 -0.77
CA TYR A 190 27.41 7.79 -1.15
C TYR A 190 26.85 7.06 0.07
N GLY A 191 27.02 7.60 1.27
CA GLY A 191 26.51 6.95 2.46
C GLY A 191 25.00 7.02 2.55
N VAL A 192 24.47 6.26 3.51
CA VAL A 192 23.02 6.18 3.73
C VAL A 192 22.64 7.31 4.68
N PRO A 193 21.86 8.29 4.23
CA PRO A 193 21.48 9.40 5.11
C PRO A 193 20.54 8.92 6.22
N SER A 194 20.39 9.77 7.22
CA SER A 194 19.50 9.51 8.34
C SER A 194 18.18 10.25 8.14
N LEU A 195 17.23 9.99 9.04
CA LEU A 195 15.93 10.67 8.97
C LEU A 195 16.09 12.17 9.16
N GLU A 196 17.00 12.58 10.04
CA GLU A 196 17.21 14.01 10.30
C GLU A 196 17.91 14.69 9.13
N GLU A 197 18.65 13.96 8.31
CA GLU A 197 19.24 14.54 7.10
C GLU A 197 18.22 14.76 6.00
N LEU A 198 17.09 14.07 6.06
CA LEU A 198 15.99 14.29 5.10
C LEU A 198 15.04 15.39 5.55
N GLY A 199 15.26 15.97 6.73
CA GLY A 199 14.41 17.02 7.24
C GLY A 199 13.28 16.57 8.14
N PHE A 200 13.40 15.40 8.76
CA PHE A 200 12.34 14.85 9.60
C PHE A 200 12.61 15.15 11.06
N ASP A 201 11.54 15.40 11.81
CA ASP A 201 11.62 15.62 13.26
C ASP A 201 11.52 14.27 13.96
N THR A 202 12.62 13.83 14.56
CA THR A 202 12.68 12.53 15.22
C THR A 202 12.90 12.66 16.73
N ASP A 203 12.53 13.80 17.31
CA ASP A 203 12.70 13.97 18.75
C ASP A 203 11.72 13.11 19.54
N GLY A 204 10.47 13.07 19.11
CA GLY A 204 9.45 12.23 19.73
C GLY A 204 9.23 10.91 19.04
N LEU A 205 10.13 10.48 18.16
CA LEU A 205 9.96 9.23 17.44
C LEU A 205 10.25 8.04 18.35
N SER A 206 9.36 7.04 18.29
CA SER A 206 9.52 5.84 19.09
C SER A 206 10.38 4.81 18.35
N SER A 207 10.68 3.71 19.02
CA SER A 207 11.43 2.63 18.41
C SER A 207 10.62 1.99 17.28
N ALA A 208 11.33 1.45 16.29
CA ALA A 208 10.69 0.90 15.11
C ALA A 208 9.87 -0.32 15.46
N VAL A 209 8.57 -0.28 15.17
CA VAL A 209 7.73 -1.46 15.36
C VAL A 209 7.94 -2.46 14.24
N TRP A 210 8.20 -1.99 13.01
CA TRP A 210 8.49 -2.84 11.86
C TRP A 210 9.89 -2.51 11.38
N PRO A 211 10.93 -3.13 11.95
CA PRO A 211 12.31 -2.84 11.54
C PRO A 211 12.55 -3.29 10.10
N GLY A 212 12.89 -2.34 9.24
CA GLY A 212 13.16 -2.67 7.86
C GLY A 212 14.47 -3.42 7.70
N GLY A 213 14.66 -3.96 6.49
CA GLY A 213 15.88 -4.68 6.18
C GLY A 213 15.65 -6.08 5.65
N GLU A 214 16.66 -6.62 4.96
CA GLU A 214 16.57 -7.98 4.44
C GLU A 214 16.76 -9.02 5.54
N THR A 215 17.60 -8.71 6.53
CA THR A 215 17.84 -9.66 7.62
C THR A 215 16.58 -9.87 8.46
N GLU A 216 15.86 -8.77 8.76
CA GLU A 216 14.63 -8.88 9.53
C GLU A 216 13.55 -9.64 8.76
N ALA A 217 13.52 -9.47 7.43
CA ALA A 217 12.51 -10.17 6.63
C ALA A 217 12.72 -11.67 6.67
N LEU A 218 13.97 -12.13 6.48
CA LEU A 218 14.25 -13.56 6.53
C LEU A 218 14.08 -14.10 7.95
N THR A 219 14.32 -13.27 8.97
CA THR A 219 14.09 -13.70 10.34
C THR A 219 12.61 -13.91 10.61
N ARG A 220 11.78 -12.94 10.21
CA ARG A 220 10.34 -13.08 10.38
C ARG A 220 9.78 -14.22 9.54
N LEU A 221 10.37 -14.45 8.36
CA LEU A 221 9.88 -15.53 7.50
C LEU A 221 10.10 -16.90 8.16
N GLU A 222 11.26 -17.09 8.80
CA GLU A 222 11.53 -18.36 9.45
C GLU A 222 10.57 -18.60 10.61
N ARG A 223 10.31 -17.58 11.43
CA ARG A 223 9.37 -17.73 12.53
C ARG A 223 7.93 -17.80 12.03
N HIS A 224 7.63 -17.19 10.88
CA HIS A 224 6.29 -17.28 10.34
C HIS A 224 5.98 -18.69 9.85
N LEU A 225 6.93 -19.31 9.14
CA LEU A 225 6.72 -20.68 8.69
C LEU A 225 6.75 -21.66 9.85
N GLU A 226 7.49 -21.34 10.92
CA GLU A 226 7.57 -22.23 12.07
C GLU A 226 6.25 -22.33 12.82
N ARG A 227 5.35 -21.36 12.64
CA ARG A 227 4.07 -21.32 13.34
C ARG A 227 2.92 -21.66 12.39
N LYS A 228 3.14 -22.57 11.45
CA LYS A 228 2.12 -22.95 10.50
C LYS A 228 1.98 -24.47 10.42
N ALA A 229 3.08 -25.17 10.66
CA ALA A 229 3.08 -26.63 10.59
C ALA A 229 2.36 -27.23 11.78
N ASN A 242 -8.33 -12.21 15.42
CA ASN A 242 -8.53 -11.93 16.84
C ASN A 242 -7.90 -10.60 17.23
N SER A 243 -6.58 -10.60 17.42
CA SER A 243 -5.87 -9.41 17.85
C SER A 243 -5.56 -8.52 16.66
N LEU A 244 -5.67 -7.20 16.87
CA LEU A 244 -5.41 -6.21 15.84
C LEU A 244 -4.04 -5.56 15.98
N LEU A 245 -3.22 -6.01 16.92
CA LEU A 245 -1.90 -5.43 17.12
C LEU A 245 -0.91 -5.99 16.11
N ALA A 246 0.26 -5.36 16.04
CA ALA A 246 1.29 -5.77 15.09
C ALA A 246 1.88 -7.11 15.49
N SER A 247 1.88 -8.06 14.56
CA SER A 247 2.40 -9.41 14.78
C SER A 247 3.91 -9.44 14.52
N PRO A 248 4.68 -10.13 15.36
CA PRO A 248 6.13 -10.25 15.11
C PRO A 248 6.47 -11.08 13.88
N THR A 249 5.50 -11.70 13.22
CA THR A 249 5.74 -12.52 12.03
C THR A 249 5.10 -11.91 10.79
N GLY A 250 4.92 -10.59 10.78
CA GLY A 250 4.35 -9.92 9.63
C GLY A 250 5.37 -9.79 8.50
N LEU A 251 4.92 -10.06 7.28
CA LEU A 251 5.78 -10.05 6.11
C LEU A 251 5.31 -9.11 5.01
N SER A 252 4.13 -8.50 5.16
CA SER A 252 3.57 -7.67 4.10
C SER A 252 4.40 -6.42 3.79
N PRO A 253 4.99 -5.71 4.76
CA PRO A 253 5.83 -4.57 4.39
C PRO A 253 7.11 -4.98 3.68
N TYR A 254 7.66 -6.14 4.03
CA TYR A 254 8.91 -6.58 3.41
C TYR A 254 8.68 -7.14 2.02
N LEU A 255 7.47 -7.64 1.73
CA LEU A 255 7.15 -8.05 0.37
C LEU A 255 7.02 -6.83 -0.55
N ARG A 256 6.51 -5.72 -0.02
CA ARG A 256 6.32 -4.53 -0.85
C ARG A 256 7.65 -3.84 -1.14
N PHE A 257 8.48 -3.65 -0.13
CA PHE A 257 9.78 -3.01 -0.32
C PHE A 257 10.80 -3.93 -0.96
N GLY A 258 10.47 -5.21 -1.17
CA GLY A 258 11.39 -6.14 -1.79
C GLY A 258 12.43 -6.74 -0.87
N CYS A 259 12.29 -6.55 0.45
CA CYS A 259 13.23 -7.16 1.38
C CYS A 259 13.12 -8.68 1.38
N LEU A 260 11.92 -9.19 1.13
CA LEU A 260 11.67 -10.62 1.04
C LEU A 260 11.08 -10.92 -0.32
N SER A 261 11.67 -11.88 -1.03
CA SER A 261 11.19 -12.23 -2.36
C SER A 261 9.97 -13.14 -2.27
N CYS A 262 8.97 -12.84 -3.12
CA CYS A 262 7.76 -13.65 -3.13
C CYS A 262 8.02 -15.05 -3.67
N ARG A 263 9.04 -15.21 -4.52
CA ARG A 263 9.37 -16.54 -5.03
C ARG A 263 9.99 -17.42 -3.96
N LEU A 264 10.82 -16.83 -3.09
CA LEU A 264 11.34 -17.59 -1.95
C LEU A 264 10.24 -17.90 -0.95
N PHE A 265 9.38 -16.92 -0.66
CA PHE A 265 8.21 -17.18 0.17
C PHE A 265 7.35 -18.30 -0.44
N TYR A 266 7.26 -18.33 -1.78
CA TYR A 266 6.46 -19.36 -2.44
C TYR A 266 7.07 -20.74 -2.23
N PHE A 267 8.35 -20.91 -2.56
CA PHE A 267 8.96 -22.24 -2.53
C PHE A 267 9.09 -22.77 -1.10
N LYS A 268 9.43 -21.90 -0.15
CA LYS A 268 9.49 -22.36 1.24
C LYS A 268 8.11 -22.62 1.81
N LEU A 269 7.06 -22.03 1.24
CA LEU A 269 5.70 -22.39 1.63
C LEU A 269 5.29 -23.73 1.04
N THR A 270 5.70 -23.99 -0.22
CA THR A 270 5.42 -25.28 -0.83
C THR A 270 6.17 -26.40 -0.11
N ASP A 271 7.50 -26.25 0.02
CA ASP A 271 8.32 -27.31 0.59
C ASP A 271 7.89 -27.66 2.01
N LEU A 272 7.54 -26.65 2.81
CA LEU A 272 7.06 -26.93 4.17
C LEU A 272 5.71 -27.61 4.15
N TYR A 273 4.87 -27.33 3.15
CA TYR A 273 3.56 -27.96 3.06
C TYR A 273 3.68 -29.42 2.65
N LYS A 274 4.67 -29.76 1.82
CA LYS A 274 4.85 -31.15 1.41
C LYS A 274 5.34 -32.01 2.58
N LYS A 275 6.04 -31.42 3.54
CA LYS A 275 6.58 -32.20 4.65
C LYS A 275 5.50 -32.56 5.66
N VAL A 276 4.69 -31.58 6.07
CA VAL A 276 3.64 -31.85 7.04
C VAL A 276 2.56 -32.76 6.45
N LYS A 277 2.32 -32.64 5.15
CA LYS A 277 1.32 -33.44 4.47
C LYS A 277 2.01 -34.52 3.63
N LYS A 278 1.27 -35.10 2.68
CA LYS A 278 1.85 -35.99 1.67
C LYS A 278 1.29 -35.66 0.28
N ASN A 279 0.78 -34.45 0.10
CA ASN A 279 0.08 -34.03 -1.11
C ASN A 279 0.96 -33.05 -1.88
N SER A 280 1.25 -33.38 -3.13
CA SER A 280 2.05 -32.52 -4.01
C SER A 280 1.18 -31.52 -4.77
N SER A 281 -0.07 -31.33 -4.35
CA SER A 281 -0.97 -30.37 -4.97
C SER A 281 -1.54 -29.46 -3.89
N PRO A 282 -0.77 -28.47 -3.44
CA PRO A 282 -1.25 -27.56 -2.41
C PRO A 282 -2.35 -26.67 -2.94
N PRO A 283 -3.40 -26.44 -2.16
CA PRO A 283 -4.47 -25.54 -2.60
C PRO A 283 -3.98 -24.10 -2.69
N LEU A 284 -4.67 -23.33 -3.53
CA LEU A 284 -4.30 -21.93 -3.73
C LEU A 284 -4.57 -21.08 -2.50
N SER A 285 -5.21 -21.62 -1.48
CA SER A 285 -5.35 -20.90 -0.21
C SER A 285 -4.02 -20.79 0.52
N LEU A 286 -3.05 -21.64 0.18
CA LEU A 286 -1.73 -21.56 0.82
C LEU A 286 -0.99 -20.31 0.38
N TYR A 287 -1.10 -19.95 -0.90
CA TYR A 287 -0.47 -18.75 -1.44
C TYR A 287 -1.45 -17.60 -1.58
N GLY A 288 -2.48 -17.56 -0.74
CA GLY A 288 -3.48 -16.50 -0.82
C GLY A 288 -2.89 -15.12 -0.64
N GLN A 289 -1.86 -14.99 0.21
CA GLN A 289 -1.22 -13.70 0.41
C GLN A 289 -0.45 -13.27 -0.83
N LEU A 290 0.17 -14.23 -1.53
CA LEU A 290 0.97 -13.90 -2.70
C LEU A 290 0.12 -13.72 -3.95
N LEU A 291 -0.87 -14.59 -4.14
CA LEU A 291 -1.71 -14.49 -5.33
C LEU A 291 -2.59 -13.24 -5.29
N TRP A 292 -3.11 -12.89 -4.10
CA TRP A 292 -3.85 -11.64 -3.98
C TRP A 292 -2.94 -10.45 -4.22
N ARG A 293 -1.70 -10.52 -3.73
CA ARG A 293 -0.72 -9.48 -4.04
C ARG A 293 -0.38 -9.46 -5.52
N GLU A 294 -0.20 -10.64 -6.13
CA GLU A 294 0.09 -10.73 -7.55
C GLU A 294 -1.06 -10.27 -8.42
N PHE A 295 -2.29 -10.29 -7.89
CA PHE A 295 -3.46 -9.98 -8.71
C PHE A 295 -3.49 -8.50 -9.09
N PHE A 296 -3.26 -7.61 -8.12
CA PHE A 296 -3.34 -6.18 -8.41
C PHE A 296 -2.18 -5.71 -9.27
N TYR A 297 -1.03 -6.40 -9.20
CA TYR A 297 0.07 -6.08 -10.09
C TYR A 297 -0.31 -6.35 -11.54
N THR A 298 -1.07 -7.43 -11.78
CA THR A 298 -1.51 -7.76 -13.13
C THR A 298 -2.63 -6.84 -13.59
N ALA A 299 -3.52 -6.46 -12.67
CA ALA A 299 -4.68 -5.64 -13.04
C ALA A 299 -4.31 -4.18 -13.31
N ALA A 300 -3.10 -3.75 -12.97
CA ALA A 300 -2.72 -2.35 -13.10
C ALA A 300 -1.55 -2.12 -14.05
N THR A 301 -0.88 -3.16 -14.53
CA THR A 301 0.31 -2.96 -15.36
C THR A 301 -0.05 -2.33 -16.71
N ASN A 302 -1.27 -2.54 -17.20
CA ASN A 302 -1.72 -1.99 -18.47
C ASN A 302 -2.79 -0.91 -18.28
N ASN A 303 -2.85 -0.30 -17.10
CA ASN A 303 -3.87 0.70 -16.77
C ASN A 303 -3.18 1.91 -16.17
N PRO A 304 -2.82 2.90 -16.99
CA PRO A 304 -2.16 4.10 -16.45
C PRO A 304 -3.05 4.97 -15.58
N ARG A 305 -4.36 4.73 -15.58
CA ARG A 305 -5.30 5.45 -14.71
C ARG A 305 -5.92 4.54 -13.66
N PHE A 306 -5.15 3.55 -13.18
CA PHE A 306 -5.67 2.61 -12.20
C PHE A 306 -5.86 3.23 -10.83
N ASP A 307 -5.15 4.32 -10.52
CA ASP A 307 -5.29 5.01 -9.24
C ASP A 307 -6.31 6.13 -9.28
N LYS A 308 -7.09 6.24 -10.35
CA LYS A 308 -8.09 7.28 -10.49
C LYS A 308 -9.44 6.67 -10.86
N MET A 309 -10.49 7.46 -10.71
CA MET A 309 -11.83 7.02 -11.08
C MET A 309 -12.21 7.46 -12.49
N GLU A 310 -12.05 8.74 -12.80
CA GLU A 310 -12.38 9.22 -14.13
C GLU A 310 -11.34 8.76 -15.14
N GLY A 311 -11.80 8.22 -16.27
CA GLY A 311 -10.90 7.66 -17.25
C GLY A 311 -10.47 6.23 -16.98
N ASN A 312 -10.91 5.64 -15.88
CA ASN A 312 -10.55 4.26 -15.55
C ASN A 312 -11.54 3.31 -16.20
N PRO A 313 -11.08 2.40 -17.07
CA PRO A 313 -12.03 1.49 -17.75
C PRO A 313 -12.69 0.47 -16.82
N ILE A 314 -12.19 0.30 -15.59
CA ILE A 314 -12.71 -0.74 -14.71
C ILE A 314 -13.17 -0.14 -13.38
N CYS A 315 -13.58 1.13 -13.40
CA CYS A 315 -14.05 1.80 -12.19
C CYS A 315 -15.40 2.44 -12.46
N VAL A 316 -16.33 2.25 -11.53
CA VAL A 316 -17.67 2.83 -11.64
C VAL A 316 -17.60 4.29 -11.29
N GLN A 317 -18.20 5.14 -12.13
CA GLN A 317 -18.24 6.57 -11.86
C GLN A 317 -19.24 6.87 -10.75
N ILE A 318 -18.77 7.48 -9.68
CA ILE A 318 -19.62 7.78 -8.52
C ILE A 318 -19.48 9.25 -8.14
N PRO A 319 -20.59 9.98 -8.01
CA PRO A 319 -20.53 11.39 -7.59
C PRO A 319 -20.35 11.54 -6.07
N TRP A 320 -19.10 11.44 -5.64
CA TRP A 320 -18.79 11.62 -4.22
C TRP A 320 -18.95 13.08 -3.82
N ASP A 321 -19.12 13.29 -2.52
CA ASP A 321 -19.19 14.63 -1.95
C ASP A 321 -17.77 15.13 -1.65
N LYS A 322 -17.54 16.40 -1.93
CA LYS A 322 -16.22 17.02 -1.73
C LYS A 322 -16.26 17.81 -0.42
N ASN A 323 -15.73 17.20 0.64
CA ASN A 323 -15.65 17.84 1.95
C ASN A 323 -14.20 17.71 2.44
N PRO A 324 -13.36 18.71 2.13
CA PRO A 324 -11.95 18.61 2.55
C PRO A 324 -11.77 18.57 4.05
N GLU A 325 -12.59 19.32 4.79
CA GLU A 325 -12.46 19.35 6.25
C GLU A 325 -12.85 18.01 6.87
N ALA A 326 -13.81 17.30 6.27
CA ALA A 326 -14.17 15.98 6.77
C ALA A 326 -13.05 14.97 6.51
N LEU A 327 -12.38 15.09 5.36
CA LEU A 327 -11.24 14.23 5.09
C LEU A 327 -10.10 14.48 6.07
N ALA A 328 -9.94 15.74 6.52
CA ALA A 328 -8.90 16.05 7.49
C ALA A 328 -9.19 15.40 8.84
N LYS A 329 -10.45 15.47 9.29
CA LYS A 329 -10.82 14.81 10.54
C LYS A 329 -10.59 13.31 10.47
N TRP A 330 -10.89 12.70 9.32
CA TRP A 330 -10.75 11.25 9.18
C TRP A 330 -9.28 10.85 9.15
N ALA A 331 -8.47 11.54 8.34
CA ALA A 331 -7.07 11.15 8.19
C ALA A 331 -6.29 11.37 9.49
N GLU A 332 -6.55 12.47 10.18
CA GLU A 332 -5.80 12.79 11.39
C GLU A 332 -6.28 12.00 12.61
N GLY A 333 -7.34 11.22 12.48
CA GLY A 333 -7.84 10.45 13.60
C GLY A 333 -8.66 11.23 14.59
N ARG A 334 -9.36 12.27 14.13
CA ARG A 334 -10.21 13.08 15.00
C ARG A 334 -11.64 13.08 14.50
N THR A 335 -12.28 11.91 14.44
CA THR A 335 -13.63 11.79 13.92
C THR A 335 -14.71 11.85 14.98
N GLY A 336 -14.39 11.51 16.23
CA GLY A 336 -15.36 11.41 17.29
C GLY A 336 -15.77 9.99 17.62
N PHE A 337 -15.49 9.04 16.72
CA PHE A 337 -15.73 7.63 17.00
C PHE A 337 -14.46 6.98 17.49
N PRO A 338 -14.41 6.47 18.72
CA PRO A 338 -13.15 5.92 19.24
C PRO A 338 -12.62 4.75 18.43
N TRP A 339 -13.48 4.01 17.74
CA TRP A 339 -13.01 2.89 16.94
C TRP A 339 -12.21 3.38 15.73
N ILE A 340 -12.79 4.29 14.94
CA ILE A 340 -12.10 4.79 13.77
C ILE A 340 -10.86 5.60 14.16
N ASP A 341 -10.96 6.37 15.25
CA ASP A 341 -9.83 7.18 15.68
C ASP A 341 -8.67 6.34 16.17
N ALA A 342 -8.95 5.20 16.80
CA ALA A 342 -7.87 4.34 17.27
C ALA A 342 -7.16 3.66 16.11
N ILE A 343 -7.86 3.41 15.01
CA ILE A 343 -7.22 2.80 13.85
C ILE A 343 -6.27 3.79 13.18
N MET A 344 -6.70 5.04 13.06
CA MET A 344 -5.86 6.03 12.38
C MET A 344 -4.66 6.42 13.22
N THR A 345 -4.78 6.38 14.55
CA THR A 345 -3.64 6.69 15.41
C THR A 345 -2.60 5.59 15.36
N GLN A 346 -3.03 4.33 15.25
CA GLN A 346 -2.08 3.23 15.06
C GLN A 346 -1.46 3.31 13.67
N LEU A 347 -2.26 3.68 12.66
CA LEU A 347 -1.73 3.82 11.31
C LEU A 347 -0.70 4.94 11.24
N ARG A 348 -0.93 6.03 11.98
CA ARG A 348 -0.01 7.17 11.94
C ARG A 348 1.27 6.87 12.71
N GLN A 349 1.17 6.15 13.83
CA GLN A 349 2.32 5.93 14.69
C GLN A 349 3.09 4.67 14.30
N GLU A 350 2.40 3.56 14.08
CA GLU A 350 3.06 2.29 13.78
C GLU A 350 3.20 2.00 12.29
N GLY A 351 2.44 2.70 11.44
CA GLY A 351 2.56 2.49 10.01
C GLY A 351 1.91 1.23 9.48
N TRP A 352 1.12 0.54 10.30
CA TRP A 352 0.43 -0.67 9.86
C TRP A 352 -0.82 -0.88 10.69
N ILE A 353 -1.89 -1.34 10.03
CA ILE A 353 -3.13 -1.70 10.70
C ILE A 353 -3.62 -3.02 10.13
N HIS A 354 -4.46 -3.69 10.89
CA HIS A 354 -5.00 -4.97 10.46
C HIS A 354 -5.91 -4.79 9.25
N HIS A 355 -6.06 -5.87 8.47
CA HIS A 355 -6.87 -5.80 7.26
C HIS A 355 -8.33 -5.53 7.58
N LEU A 356 -8.85 -6.12 8.66
CA LEU A 356 -10.21 -5.81 9.09
C LEU A 356 -10.32 -4.35 9.52
N ALA A 357 -9.26 -3.81 10.11
CA ALA A 357 -9.25 -2.38 10.44
C ALA A 357 -9.27 -1.52 9.19
N ARG A 358 -8.57 -1.95 8.13
CA ARG A 358 -8.61 -1.23 6.87
C ARG A 358 -10.01 -1.23 6.29
N HIS A 359 -10.74 -2.35 6.44
CA HIS A 359 -12.11 -2.40 5.95
C HIS A 359 -13.03 -1.52 6.78
N ALA A 360 -12.68 -1.28 8.05
CA ALA A 360 -13.52 -0.45 8.92
C ALA A 360 -13.41 1.03 8.57
N VAL A 361 -12.17 1.52 8.42
CA VAL A 361 -11.98 2.93 8.13
C VAL A 361 -12.29 3.27 6.68
N ALA A 362 -12.23 2.31 5.77
CA ALA A 362 -12.57 2.58 4.38
C ALA A 362 -14.07 2.78 4.21
N CYS A 363 -14.88 1.98 4.92
CA CYS A 363 -16.33 2.15 4.86
C CYS A 363 -16.75 3.48 5.48
N PHE A 364 -16.07 3.89 6.58
CA PHE A 364 -16.42 5.14 7.23
C PHE A 364 -16.20 6.34 6.30
N LEU A 365 -15.27 6.22 5.35
CA LEU A 365 -14.93 7.31 4.45
C LEU A 365 -15.64 7.24 3.11
N THR A 366 -15.94 6.05 2.62
CA THR A 366 -16.43 5.90 1.24
C THR A 366 -17.93 5.64 1.19
N ARG A 367 -18.34 4.38 1.29
CA ARG A 367 -19.73 3.98 1.04
C ARG A 367 -20.52 3.78 2.33
N GLY A 368 -20.06 4.33 3.45
CA GLY A 368 -20.76 4.12 4.70
C GLY A 368 -21.24 5.38 5.38
N ASP A 369 -20.36 6.36 5.55
CA ASP A 369 -20.70 7.55 6.33
C ASP A 369 -20.38 8.84 5.58
N LEU A 370 -19.09 9.11 5.36
CA LEU A 370 -18.67 10.41 4.85
C LEU A 370 -18.93 10.62 3.37
N TRP A 371 -19.04 9.53 2.60
CA TRP A 371 -19.26 9.61 1.15
C TRP A 371 -18.15 10.43 0.47
N ILE A 372 -16.91 10.19 0.87
CA ILE A 372 -15.75 10.83 0.29
C ILE A 372 -15.07 9.84 -0.66
N SER A 373 -14.55 10.36 -1.78
CA SER A 373 -13.98 9.51 -2.82
C SER A 373 -12.88 8.61 -2.26
N TRP A 374 -12.81 7.39 -2.81
CA TRP A 374 -11.78 6.45 -2.42
C TRP A 374 -10.38 6.91 -2.80
N GLU A 375 -10.27 7.79 -3.81
CA GLU A 375 -8.96 8.33 -4.18
C GLU A 375 -8.36 9.13 -3.03
N GLU A 376 -9.20 9.86 -2.29
CA GLU A 376 -8.71 10.62 -1.14
C GLU A 376 -8.17 9.70 -0.06
N GLY A 377 -8.89 8.61 0.23
CA GLY A 377 -8.38 7.62 1.16
C GLY A 377 -7.21 6.83 0.65
N MET A 378 -7.06 6.73 -0.68
CA MET A 378 -5.90 6.05 -1.25
C MET A 378 -4.62 6.82 -0.95
N LYS A 379 -4.65 8.14 -1.10
CA LYS A 379 -3.46 8.95 -0.86
C LYS A 379 -3.11 9.07 0.62
N VAL A 380 -4.08 8.86 1.51
CA VAL A 380 -3.78 8.87 2.94
C VAL A 380 -3.04 7.59 3.33
N PHE A 381 -3.53 6.45 2.85
CA PHE A 381 -2.81 5.20 3.07
C PHE A 381 -1.49 5.17 2.32
N GLU A 382 -1.34 5.97 1.27
CA GLU A 382 -0.11 5.98 0.49
C GLU A 382 1.07 6.51 1.30
N GLU A 383 0.81 7.36 2.29
CA GLU A 383 1.87 7.94 3.10
C GLU A 383 2.09 7.22 4.43
N LEU A 384 1.06 6.60 4.99
CA LEU A 384 1.13 5.99 6.31
C LEU A 384 1.25 4.48 6.27
N LEU A 385 0.42 3.81 5.47
CA LEU A 385 0.47 2.35 5.40
C LEU A 385 1.79 1.88 4.81
N LEU A 386 2.49 1.01 5.54
CA LEU A 386 3.82 0.59 5.12
C LEU A 386 3.77 -0.32 3.91
N ASP A 387 2.76 -1.18 3.82
CA ASP A 387 2.63 -2.15 2.74
C ASP A 387 1.63 -1.70 1.68
N ALA A 388 1.58 -0.40 1.39
CA ALA A 388 0.63 0.15 0.43
C ALA A 388 1.35 0.39 -0.90
N ASP A 389 1.45 -0.67 -1.69
CA ASP A 389 2.01 -0.53 -3.03
C ASP A 389 1.01 0.15 -3.95
N TRP A 390 1.54 0.78 -5.00
CA TRP A 390 0.69 1.56 -5.90
C TRP A 390 -0.42 0.72 -6.51
N SER A 391 -0.12 -0.54 -6.85
CA SER A 391 -1.13 -1.40 -7.45
C SER A 391 -2.09 -1.95 -6.40
N ILE A 392 -1.56 -2.42 -5.27
CA ILE A 392 -2.41 -3.04 -4.26
C ILE A 392 -3.27 -2.00 -3.55
N ASN A 393 -2.68 -0.86 -3.21
CA ASN A 393 -3.42 0.15 -2.46
C ASN A 393 -4.52 0.79 -3.30
N ALA A 394 -4.30 0.93 -4.61
CA ALA A 394 -5.32 1.53 -5.46
C ALA A 394 -6.48 0.57 -5.70
N GLY A 395 -6.17 -0.70 -5.99
CA GLY A 395 -7.21 -1.68 -6.26
C GLY A 395 -8.05 -2.00 -5.04
N SER A 396 -7.46 -1.95 -3.85
CA SER A 396 -8.20 -2.26 -2.64
C SER A 396 -9.28 -1.22 -2.36
N TRP A 397 -8.93 0.06 -2.52
CA TRP A 397 -9.91 1.13 -2.25
C TRP A 397 -11.09 1.07 -3.20
N MET A 398 -10.88 0.58 -4.43
CA MET A 398 -12.00 0.41 -5.36
C MET A 398 -12.92 -0.71 -4.91
N TRP A 399 -12.35 -1.79 -4.37
CA TRP A 399 -13.16 -2.91 -3.90
C TRP A 399 -13.83 -2.60 -2.56
N LEU A 400 -13.12 -1.91 -1.66
CA LEU A 400 -13.71 -1.53 -0.38
C LEU A 400 -14.82 -0.51 -0.54
N SER A 401 -14.86 0.23 -1.65
CA SER A 401 -15.90 1.21 -1.92
C SER A 401 -16.89 0.75 -2.97
N CYS A 402 -16.81 -0.52 -3.39
CA CYS A 402 -17.69 -1.09 -4.41
C CYS A 402 -17.61 -0.31 -5.73
N SER A 403 -16.45 0.29 -6.01
CA SER A 403 -16.24 1.02 -7.25
C SER A 403 -15.73 0.13 -8.37
N SER A 404 -15.15 -1.01 -8.05
CA SER A 404 -14.72 -2.00 -9.03
C SER A 404 -15.19 -3.38 -8.59
N PHE A 405 -14.90 -4.40 -9.40
CA PHE A 405 -15.43 -5.72 -9.15
C PHE A 405 -14.35 -6.78 -9.05
N PHE A 406 -13.31 -6.52 -8.25
CA PHE A 406 -12.24 -7.50 -8.10
C PHE A 406 -12.70 -8.70 -7.29
N GLN A 407 -13.49 -8.46 -6.23
CA GLN A 407 -14.00 -9.53 -5.39
C GLN A 407 -15.41 -9.16 -4.95
N GLN A 408 -16.15 -10.16 -4.49
CA GLN A 408 -17.53 -9.95 -4.04
C GLN A 408 -17.55 -8.98 -2.87
N PHE A 409 -18.63 -8.18 -2.81
CA PHE A 409 -18.73 -7.10 -1.84
C PHE A 409 -19.11 -7.63 -0.47
N PHE A 410 -19.08 -6.73 0.52
CA PHE A 410 -19.41 -7.06 1.89
C PHE A 410 -20.09 -5.86 2.53
N HIS A 411 -20.92 -6.14 3.54
CA HIS A 411 -21.67 -5.08 4.20
C HIS A 411 -20.74 -4.14 4.95
N CYS A 412 -21.16 -2.89 5.07
CA CYS A 412 -20.36 -1.89 5.77
C CYS A 412 -20.31 -2.20 7.26
N TYR A 413 -19.19 -1.83 7.88
CA TYR A 413 -18.96 -2.10 9.29
C TYR A 413 -19.44 -0.92 10.13
N CYS A 414 -20.33 -1.20 11.09
CA CYS A 414 -20.72 -0.18 12.05
C CYS A 414 -19.52 0.15 12.93
N PRO A 415 -19.16 1.44 13.06
CA PRO A 415 -17.94 1.77 13.82
C PRO A 415 -17.99 1.35 15.27
N VAL A 416 -19.10 1.61 15.95
CA VAL A 416 -19.17 1.34 17.38
C VAL A 416 -19.30 -0.16 17.65
N GLY A 417 -20.28 -0.79 17.02
CA GLY A 417 -20.60 -2.18 17.32
C GLY A 417 -19.74 -3.21 16.61
N PHE A 418 -18.58 -2.81 16.12
CA PHE A 418 -17.68 -3.76 15.46
C PHE A 418 -16.66 -4.31 16.44
N GLY A 419 -15.82 -3.45 17.01
CA GLY A 419 -14.82 -3.84 17.97
C GLY A 419 -15.32 -4.04 19.38
N ARG A 420 -16.62 -3.92 19.61
CA ARG A 420 -17.17 -4.14 20.94
C ARG A 420 -17.06 -5.59 21.35
N ARG A 421 -17.18 -6.53 20.40
CA ARG A 421 -17.07 -7.95 20.70
C ARG A 421 -15.69 -8.52 20.42
N THR A 422 -14.80 -7.74 19.78
CA THR A 422 -13.39 -8.14 19.73
C THR A 422 -12.75 -8.00 21.10
N ASP A 423 -13.11 -6.94 21.83
CA ASP A 423 -12.73 -6.74 23.22
C ASP A 423 -13.71 -5.75 23.85
N PRO A 424 -14.50 -6.18 24.84
CA PRO A 424 -15.53 -5.28 25.39
C PRO A 424 -14.96 -4.15 26.22
N ASN A 425 -13.80 -4.36 26.84
CA ASN A 425 -13.21 -3.32 27.68
C ASN A 425 -12.71 -2.14 26.85
N GLY A 426 -12.53 -2.32 25.54
CA GLY A 426 -11.91 -1.29 24.73
C GLY A 426 -10.41 -1.21 24.92
N ASP A 427 -9.75 -2.35 25.12
CA ASP A 427 -8.31 -2.35 25.35
C ASP A 427 -7.55 -1.77 24.16
N TYR A 428 -8.04 -2.01 22.94
CA TYR A 428 -7.44 -1.39 21.77
C TYR A 428 -7.75 0.09 21.71
N ILE A 429 -8.90 0.51 22.25
CA ILE A 429 -9.26 1.93 22.27
C ILE A 429 -8.36 2.69 23.24
N ARG A 430 -8.25 2.19 24.47
CA ARG A 430 -7.38 2.83 25.46
C ARG A 430 -5.91 2.71 25.11
N ARG A 431 -5.56 1.79 24.20
CA ARG A 431 -4.16 1.61 23.82
C ARG A 431 -3.62 2.82 23.07
N TYR A 432 -4.32 3.25 22.02
CA TYR A 432 -3.85 4.32 21.17
C TYR A 432 -4.53 5.66 21.45
N LEU A 433 -5.61 5.67 22.23
CA LEU A 433 -6.32 6.88 22.61
C LEU A 433 -6.23 7.04 24.13
N PRO A 434 -5.12 7.55 24.65
CA PRO A 434 -5.00 7.73 26.10
C PRO A 434 -5.93 8.79 26.66
N VAL A 435 -6.50 9.65 25.81
CA VAL A 435 -7.44 10.66 26.28
C VAL A 435 -8.72 10.02 26.79
N LEU A 436 -9.04 8.82 26.33
CA LEU A 436 -10.26 8.12 26.74
C LEU A 436 -9.98 6.97 27.70
N ARG A 437 -8.86 7.00 28.41
CA ARG A 437 -8.49 5.92 29.32
C ARG A 437 -9.32 5.91 30.61
N GLY A 438 -10.23 6.85 30.78
CA GLY A 438 -11.02 6.91 32.01
C GLY A 438 -12.50 6.65 31.77
N PHE A 439 -12.81 6.00 30.66
CA PHE A 439 -14.19 5.68 30.35
C PHE A 439 -14.45 4.18 30.50
N PRO A 440 -15.63 3.80 30.97
CA PRO A 440 -15.94 2.38 31.14
C PRO A 440 -16.53 1.77 29.87
N ALA A 441 -16.64 0.44 29.88
CA ALA A 441 -17.03 -0.33 28.69
C ALA A 441 -18.40 0.05 28.15
N LYS A 442 -19.27 0.67 28.95
CA LYS A 442 -20.56 1.09 28.44
C LYS A 442 -20.50 2.40 27.68
N TYR A 443 -19.38 3.12 27.74
CA TYR A 443 -19.24 4.39 27.05
C TYR A 443 -17.91 4.55 26.32
N ILE A 444 -17.03 3.54 26.36
CA ILE A 444 -15.72 3.68 25.71
C ILE A 444 -15.87 3.73 24.19
N TYR A 445 -16.87 3.05 23.65
CA TYR A 445 -17.14 3.11 22.21
C TYR A 445 -18.11 4.22 21.83
N ASP A 446 -18.91 4.71 22.78
CA ASP A 446 -19.86 5.79 22.54
C ASP A 446 -19.72 6.82 23.64
N PRO A 447 -18.65 7.63 23.62
CA PRO A 447 -18.46 8.63 24.67
C PRO A 447 -19.44 9.79 24.59
N TRP A 448 -20.09 10.00 23.44
CA TRP A 448 -21.09 11.06 23.35
C TRP A 448 -22.36 10.69 24.09
N ASN A 449 -22.67 9.40 24.18
CA ASN A 449 -23.83 8.94 24.94
C ASN A 449 -23.55 8.84 26.43
N ALA A 450 -22.42 9.35 26.90
CA ALA A 450 -22.04 9.33 28.31
C ALA A 450 -22.57 10.57 29.02
N PRO A 451 -23.02 10.43 30.26
CA PRO A 451 -23.54 11.59 30.99
C PRO A 451 -22.46 12.61 31.29
N GLU A 452 -22.91 13.84 31.57
CA GLU A 452 -21.98 14.93 31.83
C GLU A 452 -21.15 14.69 33.07
N GLY A 453 -21.68 13.94 34.04
CA GLY A 453 -20.93 13.68 35.25
C GLY A 453 -19.76 12.73 35.03
N ILE A 454 -19.97 11.68 34.25
CA ILE A 454 -18.91 10.71 34.00
C ILE A 454 -17.83 11.27 33.09
N GLN A 455 -18.13 12.34 32.36
CA GLN A 455 -17.10 12.97 31.53
C GLN A 455 -16.12 13.78 32.35
N LYS A 456 -16.57 14.38 33.45
CA LYS A 456 -15.68 15.18 34.29
C LYS A 456 -14.78 14.31 35.15
N VAL A 457 -15.26 13.17 35.63
CA VAL A 457 -14.47 12.27 36.45
C VAL A 457 -13.37 11.56 35.67
N ALA A 458 -13.44 11.59 34.33
CA ALA A 458 -12.44 10.97 33.49
C ALA A 458 -11.44 11.98 32.95
N LYS A 459 -11.56 13.25 33.31
CA LYS A 459 -10.69 14.32 32.81
C LYS A 459 -10.72 14.38 31.29
N CYS A 460 -11.92 14.28 30.71
CA CYS A 460 -12.09 14.30 29.27
C CYS A 460 -13.53 14.66 28.95
N LEU A 461 -13.75 15.89 28.49
CA LEU A 461 -15.07 16.36 28.09
C LEU A 461 -15.21 16.27 26.58
N ILE A 462 -16.32 15.69 26.13
CA ILE A 462 -16.56 15.54 24.69
C ILE A 462 -16.74 16.92 24.08
N GLY A 463 -15.96 17.20 23.04
CA GLY A 463 -15.95 18.50 22.40
C GLY A 463 -14.83 19.41 22.88
N VAL A 464 -14.09 19.02 23.92
CA VAL A 464 -12.99 19.83 24.43
C VAL A 464 -11.70 19.02 24.37
N ASN A 465 -11.70 17.87 25.03
CA ASN A 465 -10.54 16.98 25.02
C ASN A 465 -10.62 15.91 23.94
N TYR A 466 -11.83 15.55 23.50
CA TYR A 466 -12.02 14.54 22.47
C TYR A 466 -13.08 15.03 21.51
N PRO A 467 -12.90 14.82 20.21
CA PRO A 467 -13.85 15.35 19.22
C PRO A 467 -15.24 14.73 19.36
N LYS A 468 -16.23 15.49 18.92
CA LYS A 468 -17.61 15.02 18.87
C LYS A 468 -17.82 14.14 17.64
N PRO A 469 -18.86 13.30 17.63
CA PRO A 469 -19.15 12.50 16.43
C PRO A 469 -19.38 13.37 15.21
N MET A 470 -18.47 13.29 14.24
CA MET A 470 -18.54 14.15 13.06
C MET A 470 -19.75 13.89 12.20
N VAL A 471 -20.49 12.81 12.45
CA VAL A 471 -21.71 12.53 11.69
C VAL A 471 -22.54 11.53 12.50
N ASN A 472 -23.85 11.58 12.31
CA ASN A 472 -24.74 10.60 12.92
C ASN A 472 -24.76 9.35 12.07
N HIS A 473 -24.29 8.24 12.63
CA HIS A 473 -24.13 7.00 11.85
C HIS A 473 -25.47 6.47 11.36
N ALA A 474 -26.55 6.70 12.11
CA ALA A 474 -27.86 6.18 11.73
C ALA A 474 -28.35 6.82 10.43
N GLU A 475 -28.31 8.15 10.35
CA GLU A 475 -28.78 8.84 9.17
C GLU A 475 -27.79 8.74 8.02
N ALA A 476 -26.49 8.80 8.32
CA ALA A 476 -25.48 8.79 7.26
C ALA A 476 -25.43 7.44 6.55
N SER A 477 -25.66 6.35 7.28
CA SER A 477 -25.64 5.03 6.67
C SER A 477 -26.80 4.86 5.69
N ARG A 478 -28.02 5.05 6.18
CA ARG A 478 -29.19 4.96 5.30
C ARG A 478 -29.17 6.02 4.21
N LEU A 479 -28.46 7.13 4.42
CA LEU A 479 -28.28 8.10 3.34
C LEU A 479 -27.46 7.50 2.20
N ASN A 480 -26.31 6.92 2.52
CA ASN A 480 -25.41 6.42 1.49
C ASN A 480 -25.87 5.09 0.90
N ILE A 481 -26.60 4.28 1.67
CA ILE A 481 -27.12 3.03 1.14
C ILE A 481 -28.12 3.30 0.02
N GLU A 482 -28.98 4.30 0.21
CA GLU A 482 -29.93 4.64 -0.84
C GLU A 482 -29.24 5.29 -2.03
N ARG A 483 -28.18 6.07 -1.79
CA ARG A 483 -27.44 6.67 -2.90
C ARG A 483 -26.77 5.61 -3.76
N MET A 484 -26.19 4.59 -3.13
CA MET A 484 -25.53 3.54 -3.90
C MET A 484 -26.53 2.60 -4.56
N LYS A 485 -27.71 2.44 -3.96
CA LYS A 485 -28.78 1.72 -4.65
C LYS A 485 -29.14 2.42 -5.95
N GLN A 486 -29.21 3.75 -5.93
CA GLN A 486 -29.52 4.51 -7.14
C GLN A 486 -28.40 4.41 -8.17
N ILE A 487 -27.16 4.19 -7.72
CA ILE A 487 -26.03 4.08 -8.64
C ILE A 487 -26.09 2.76 -9.40
N TYR A 488 -26.14 1.65 -8.65
CA TYR A 488 -26.08 0.33 -9.28
C TYR A 488 -27.36 0.02 -10.06
N GLN A 489 -28.51 0.52 -9.60
CA GLN A 489 -29.73 0.36 -10.37
C GLN A 489 -29.67 1.15 -11.68
N GLN A 490 -28.83 2.18 -11.75
CA GLN A 490 -28.64 2.95 -12.96
C GLN A 490 -27.60 2.33 -13.88
N LEU A 491 -26.61 1.63 -13.33
CA LEU A 491 -25.58 0.97 -14.13
C LEU A 491 -26.17 -0.02 -15.12
N GLU B 38 26.36 26.03 -1.44
CA GLU B 38 26.99 27.17 -0.80
C GLU B 38 26.12 28.42 -0.98
N SER B 39 26.30 29.10 -2.11
CA SER B 39 25.50 30.27 -2.44
C SER B 39 24.18 29.84 -3.09
N GLU B 40 23.36 29.16 -2.28
CA GLU B 40 22.09 28.60 -2.74
C GLU B 40 20.89 29.39 -2.25
N HIS B 41 21.09 30.60 -1.75
CA HIS B 41 20.02 31.47 -1.22
C HIS B 41 19.31 30.69 -0.11
N PHE B 42 17.99 30.50 -0.20
CA PHE B 42 17.24 29.75 0.81
C PHE B 42 17.68 28.29 0.80
N ILE B 43 18.34 27.86 1.87
CA ILE B 43 18.87 26.51 1.95
C ILE B 43 18.21 25.69 3.06
N LYS B 44 17.65 26.32 4.09
CA LYS B 44 16.98 25.59 5.18
C LYS B 44 15.74 24.91 4.62
N CYS B 45 15.87 23.62 4.32
CA CYS B 45 14.76 22.87 3.74
C CYS B 45 13.64 22.70 4.76
N VAL B 46 12.41 22.62 4.26
CA VAL B 46 11.21 22.49 5.08
C VAL B 46 10.35 21.36 4.53
N LEU B 47 9.84 20.53 5.43
CA LEU B 47 8.89 19.47 5.08
C LEU B 47 7.48 19.99 5.37
N GLN B 48 6.67 20.10 4.32
CA GLN B 48 5.34 20.66 4.47
C GLN B 48 4.37 19.63 5.04
N ASP B 49 3.20 20.11 5.46
CA ASP B 49 2.18 19.29 6.07
C ASP B 49 1.58 18.34 5.04
N PRO B 50 0.82 17.33 5.48
CA PRO B 50 0.17 16.42 4.52
C PRO B 50 -0.79 17.16 3.61
N ILE B 51 -1.24 16.45 2.57
CA ILE B 51 -2.12 17.05 1.58
C ILE B 51 -3.46 17.42 2.20
N TRP B 52 -4.02 16.53 3.03
CA TRP B 52 -5.32 16.79 3.61
C TRP B 52 -5.32 17.94 4.61
N LEU B 53 -4.16 18.27 5.17
CA LEU B 53 -4.05 19.41 6.07
C LEU B 53 -3.80 20.73 5.34
N LEU B 54 -3.25 20.68 4.14
CA LEU B 54 -3.01 21.88 3.34
C LEU B 54 -4.23 22.26 2.51
N MET B 55 -4.82 21.28 1.81
CA MET B 55 -6.01 21.54 1.02
C MET B 55 -7.16 22.02 1.91
N ALA B 56 -7.38 21.33 3.02
CA ALA B 56 -8.37 21.75 3.99
C ALA B 56 -7.73 22.67 5.02
N ASP B 57 -8.43 22.95 6.11
CA ASP B 57 -7.90 23.78 7.19
C ASP B 57 -8.54 23.28 8.49
N ALA B 58 -7.94 22.26 9.07
CA ALA B 58 -8.45 21.66 10.30
C ALA B 58 -8.44 22.67 11.44
N ASP B 59 -9.52 23.44 11.57
CA ASP B 59 -9.68 24.31 12.73
C ASP B 59 -9.58 23.49 14.01
N SER B 60 -8.93 24.08 15.02
CA SER B 60 -8.88 23.42 16.32
C SER B 60 -10.28 23.18 16.88
N SER B 61 -11.27 23.94 16.41
CA SER B 61 -12.66 23.61 16.69
C SER B 61 -13.18 22.53 15.76
N VAL B 62 -12.77 22.56 14.49
CA VAL B 62 -13.17 21.51 13.55
C VAL B 62 -12.67 20.16 14.04
N MET B 63 -11.46 20.10 14.60
CA MET B 63 -10.94 18.87 15.18
C MET B 63 -11.73 18.41 16.39
N MET B 64 -12.74 19.17 16.83
CA MET B 64 -13.54 18.81 17.99
C MET B 64 -15.03 18.99 17.72
N THR B 65 -15.40 20.17 17.21
CA THR B 65 -16.80 20.56 17.11
C THR B 65 -17.44 20.15 15.78
N TYR B 66 -16.66 20.12 14.69
CA TYR B 66 -17.23 19.96 13.36
C TYR B 66 -18.06 18.69 13.26
N GLN B 67 -19.26 18.83 12.68
CA GLN B 67 -20.15 17.71 12.44
C GLN B 67 -20.82 17.90 11.08
N LEU B 68 -20.93 16.83 10.31
CA LEU B 68 -21.53 16.91 8.99
C LEU B 68 -23.00 17.30 9.11
N PRO B 69 -23.50 18.16 8.21
CA PRO B 69 -24.88 18.63 8.34
C PRO B 69 -25.88 17.58 7.91
N SER B 70 -27.07 17.63 8.52
CA SER B 70 -28.14 16.74 8.14
C SER B 70 -28.59 17.05 6.71
N ARG B 71 -28.90 15.99 5.96
CA ARG B 71 -29.22 16.12 4.55
C ARG B 71 -30.64 15.64 4.27
N ASN B 72 -31.24 16.18 3.22
CA ASN B 72 -32.55 15.75 2.74
C ASN B 72 -32.35 14.59 1.79
N LEU B 73 -33.05 13.47 2.04
CA LEU B 73 -32.82 12.25 1.29
C LEU B 73 -33.20 12.41 -0.17
N GLU B 74 -34.42 12.90 -0.44
CA GLU B 74 -34.86 13.05 -1.82
C GLU B 74 -34.08 14.15 -2.55
N ALA B 75 -33.55 15.12 -1.81
CA ALA B 75 -32.80 16.20 -2.45
C ALA B 75 -31.42 15.72 -2.88
N VAL B 76 -30.71 15.00 -2.02
CA VAL B 76 -29.38 14.52 -2.37
C VAL B 76 -29.47 13.41 -3.42
N LEU B 77 -30.58 12.66 -3.44
CA LEU B 77 -30.75 11.64 -4.47
C LEU B 77 -31.02 12.25 -5.83
N LYS B 78 -31.90 13.26 -5.88
CA LYS B 78 -32.23 13.88 -7.16
C LYS B 78 -31.03 14.59 -7.77
N GLU B 79 -30.20 15.23 -6.94
CA GLU B 79 -29.01 15.88 -7.46
C GLU B 79 -28.00 14.88 -8.00
N ASP B 80 -27.94 13.68 -7.41
CA ASP B 80 -27.04 12.66 -7.91
C ASP B 80 -27.53 12.07 -9.22
N ARG B 81 -28.85 12.11 -9.49
CA ARG B 81 -29.36 11.64 -10.77
C ARG B 81 -28.84 12.49 -11.92
N GLU B 82 -28.77 13.81 -11.72
CA GLU B 82 -28.28 14.69 -12.77
C GLU B 82 -26.79 14.48 -13.01
N LYS B 83 -26.00 14.38 -11.93
CA LYS B 83 -24.57 14.18 -12.09
C LYS B 83 -24.25 12.78 -12.62
N LEU B 84 -25.11 11.80 -12.35
CA LEU B 84 -24.93 10.47 -12.93
C LEU B 84 -25.27 10.45 -14.42
N LYS B 85 -26.04 11.42 -14.91
CA LYS B 85 -26.38 11.46 -16.32
C LYS B 85 -25.15 11.83 -17.16
N LEU B 86 -24.34 12.76 -16.69
CA LEU B 86 -23.10 13.08 -17.38
C LEU B 86 -22.10 11.93 -17.25
N LEU B 87 -22.09 11.26 -16.10
CA LEU B 87 -21.22 10.10 -15.87
C LEU B 87 -21.94 8.82 -16.27
N GLN B 88 -22.35 8.77 -17.55
CA GLN B 88 -23.07 7.63 -18.10
C GLN B 88 -22.26 6.89 -19.14
N LYS B 89 -21.67 7.60 -20.10
CA LYS B 89 -20.77 6.99 -21.07
C LYS B 89 -19.32 6.94 -20.56
N LEU B 90 -19.06 7.51 -19.39
CA LEU B 90 -17.79 7.30 -18.70
C LEU B 90 -17.82 6.05 -17.82
N GLN B 91 -18.97 5.40 -17.70
CA GLN B 91 -19.09 4.19 -16.91
C GLN B 91 -18.30 3.06 -17.56
N PRO B 92 -17.88 2.06 -16.79
CA PRO B 92 -17.12 0.94 -17.36
C PRO B 92 -17.98 0.12 -18.32
N ARG B 93 -17.43 -0.15 -19.50
CA ARG B 93 -18.09 -0.97 -20.51
C ARG B 93 -17.22 -2.20 -20.77
N PHE B 94 -17.80 -3.38 -20.62
CA PHE B 94 -17.08 -4.63 -20.74
C PHE B 94 -17.47 -5.37 -22.01
N THR B 95 -16.68 -6.40 -22.33
CA THR B 95 -16.88 -7.21 -23.52
C THR B 95 -17.60 -8.51 -23.14
N GLU B 96 -17.62 -9.46 -24.09
CA GLU B 96 -18.33 -10.71 -23.86
C GLU B 96 -17.68 -11.51 -22.73
N SER B 97 -16.38 -11.77 -22.84
CA SER B 97 -15.71 -12.60 -21.85
C SER B 97 -15.63 -11.91 -20.49
N GLN B 98 -15.56 -10.58 -20.47
CA GLN B 98 -15.43 -9.87 -19.20
C GLN B 98 -16.74 -9.91 -18.40
N LYS B 99 -17.88 -10.05 -19.07
CA LYS B 99 -19.14 -10.15 -18.35
C LYS B 99 -19.31 -11.51 -17.70
N GLN B 100 -19.10 -12.59 -18.46
CA GLN B 100 -19.15 -13.93 -17.88
C GLN B 100 -18.08 -14.10 -16.81
N GLU B 101 -16.97 -13.36 -16.93
CA GLU B 101 -15.96 -13.38 -15.89
C GLU B 101 -16.48 -12.80 -14.58
N LEU B 102 -17.40 -11.84 -14.66
CA LEU B 102 -17.95 -11.24 -13.45
C LEU B 102 -19.10 -12.06 -12.87
N ARG B 103 -19.85 -12.77 -13.72
CA ARG B 103 -21.01 -13.52 -13.24
C ARG B 103 -20.61 -14.67 -12.33
N GLU B 104 -19.39 -15.21 -12.49
CA GLU B 104 -18.92 -16.27 -11.62
C GLU B 104 -18.58 -15.78 -10.22
N VAL B 105 -18.61 -14.46 -9.99
CA VAL B 105 -18.28 -13.87 -8.70
C VAL B 105 -19.46 -13.10 -8.11
N HIS B 106 -20.07 -12.23 -8.92
CA HIS B 106 -21.13 -11.34 -8.46
C HIS B 106 -22.48 -11.89 -8.88
N GLN B 107 -23.31 -12.24 -7.90
CA GLN B 107 -24.63 -12.77 -8.20
C GLN B 107 -25.54 -11.70 -8.79
N TRP B 108 -25.36 -10.44 -8.39
CA TRP B 108 -26.19 -9.37 -8.95
C TRP B 108 -25.96 -9.18 -10.44
N MET B 109 -24.81 -9.62 -10.96
CA MET B 109 -24.62 -9.68 -12.40
C MET B 109 -25.40 -10.84 -13.02
N GLN B 110 -25.62 -11.90 -12.25
CA GLN B 110 -26.39 -13.04 -12.74
C GLN B 110 -27.89 -12.77 -12.71
N THR B 111 -28.36 -12.07 -11.68
CA THR B 111 -29.78 -11.82 -11.48
C THR B 111 -30.25 -10.49 -12.07
N GLY B 112 -29.41 -9.48 -12.08
CA GLY B 112 -29.80 -8.17 -12.56
C GLY B 112 -30.33 -7.23 -11.52
N GLY B 113 -30.28 -7.60 -10.24
CA GLY B 113 -30.75 -6.74 -9.17
C GLY B 113 -29.66 -5.89 -8.56
N LEU B 114 -29.59 -5.86 -7.24
CA LEU B 114 -28.58 -5.08 -6.54
C LEU B 114 -27.64 -6.00 -5.78
N PRO B 115 -26.40 -5.56 -5.52
CA PRO B 115 -25.46 -6.39 -4.78
C PRO B 115 -25.99 -6.72 -3.38
N ALA B 116 -25.46 -7.80 -2.82
CA ALA B 116 -25.91 -8.26 -1.52
C ALA B 116 -25.55 -7.29 -0.40
N ALA B 117 -24.47 -6.52 -0.57
CA ALA B 117 -24.06 -5.58 0.45
C ALA B 117 -24.89 -4.31 0.42
N ILE B 118 -25.21 -3.81 -0.79
CA ILE B 118 -25.97 -2.57 -0.91
C ILE B 118 -27.42 -2.79 -0.51
N ASP B 119 -27.97 -3.96 -0.84
CA ASP B 119 -29.37 -4.27 -0.51
C ASP B 119 -29.54 -4.45 0.98
N VAL B 120 -29.82 -3.36 1.69
CA VAL B 120 -30.06 -3.42 3.13
C VAL B 120 -31.32 -2.64 3.48
#